data_4LFM
#
_entry.id   4LFM
#
_cell.length_a   108.255
_cell.length_b   115.958
_cell.length_c   54.729
_cell.angle_alpha   90.000
_cell.angle_beta   90.000
_cell.angle_gamma   90.000
#
_symmetry.space_group_name_H-M   'P 21 21 2'
#
loop_
_entity.id
_entity.type
_entity.pdbx_description
1 polymer 'Galactose-6-phosphate isomerase subunit A'
2 polymer 'Galactose-6-phosphate isomerase subunit B'
3 non-polymer D-psicose
4 water water
#
loop_
_entity_poly.entity_id
_entity_poly.type
_entity_poly.pdbx_seq_one_letter_code
_entity_poly.pdbx_strand_id
1 'polypeptide(L)'
;MGSSHHHHHHSSGLVPRGSHMDVIIGADKDGFAMKEQVKKYLEEHQYRVADVTPEPAEDFVESSLAVTKKLLNSDAHKAI
MFDRYGVGSAMASNKVKGMVTAVVEEENTAHMTAEHNGAKAIAIGTGITGYDRALVIIQRYLDTEYAGGRHQIRLDMLEK
MI
;
A,C
2 'polypeptide(L)'
;MIIAIGNDHIVTMQKIEISNMLKDMGYTVIDEGTYDTHRTHYPIYGKKVAEDVADGRADLGIVMCGTGIGISTAADKNEG
IRAAMCDDVTSAVYAREQLNANVLGIGGAVVGVHLIQDIVKAYLDATYKETPENKKLIDKIDNIAKPNPDQKDNPHFFDA
ELEKWAEGVYHD
;
B,D
#
loop_
_chem_comp.id
_chem_comp.type
_chem_comp.name
_chem_comp.formula
PSJ D-saccharide D-psicose 'C6 H12 O6'
#
# COMPACT_ATOMS: atom_id res chain seq x y z
N MET A 21 -16.34 -24.49 0.98
CA MET A 21 -16.41 -23.29 1.86
C MET A 21 -17.45 -22.29 1.34
N ASP A 22 -18.20 -21.69 2.26
CA ASP A 22 -19.22 -20.72 1.87
C ASP A 22 -18.69 -19.30 1.94
N VAL A 23 -19.13 -18.47 1.01
CA VAL A 23 -18.72 -17.07 0.94
C VAL A 23 -19.92 -16.21 0.59
N ILE A 24 -20.17 -15.19 1.40
CA ILE A 24 -21.27 -14.28 1.15
C ILE A 24 -20.71 -13.03 0.46
N ILE A 25 -21.33 -12.60 -0.63
CA ILE A 25 -20.85 -11.40 -1.32
C ILE A 25 -21.97 -10.40 -1.55
N GLY A 26 -21.60 -9.13 -1.65
CA GLY A 26 -22.57 -8.07 -1.88
C GLY A 26 -21.86 -6.82 -2.37
N ALA A 27 -22.60 -5.93 -3.03
CA ALA A 27 -22.00 -4.71 -3.55
C ALA A 27 -23.02 -3.65 -3.91
N ASP A 28 -22.57 -2.40 -3.95
CA ASP A 28 -23.42 -1.30 -4.34
C ASP A 28 -23.13 -1.07 -5.82
N LYS A 29 -23.56 0.06 -6.37
CA LYS A 29 -23.32 0.31 -7.79
C LYS A 29 -21.85 0.38 -8.17
N ASP A 30 -21.02 1.00 -7.32
CA ASP A 30 -19.60 1.14 -7.62
C ASP A 30 -18.81 -0.17 -7.50
N GLY A 31 -19.27 -1.07 -6.65
CA GLY A 31 -18.54 -2.33 -6.49
C GLY A 31 -19.14 -3.50 -7.24
N PHE A 32 -20.26 -3.29 -7.92
CA PHE A 32 -20.94 -4.37 -8.64
C PHE A 32 -20.08 -5.10 -9.69
N ALA A 33 -19.43 -4.34 -10.56
CA ALA A 33 -18.60 -4.93 -11.60
C ALA A 33 -17.59 -5.92 -11.05
N MET A 34 -16.79 -5.50 -10.08
CA MET A 34 -15.80 -6.41 -9.52
C MET A 34 -16.48 -7.57 -8.81
N LYS A 35 -17.61 -7.30 -8.14
CA LYS A 35 -18.33 -8.34 -7.43
C LYS A 35 -18.68 -9.48 -8.40
N GLU A 36 -19.14 -9.11 -9.59
CA GLU A 36 -19.51 -10.08 -10.61
C GLU A 36 -18.31 -10.93 -11.05
N GLN A 37 -17.16 -10.28 -11.23
CA GLN A 37 -15.95 -10.98 -11.64
C GLN A 37 -15.52 -11.96 -10.56
N VAL A 38 -15.49 -11.50 -9.32
CA VAL A 38 -15.10 -12.34 -8.20
C VAL A 38 -16.05 -13.53 -8.04
N LYS A 39 -17.33 -13.29 -8.26
CA LYS A 39 -18.32 -14.35 -8.15
C LYS A 39 -17.94 -15.47 -9.13
N LYS A 40 -17.60 -15.10 -10.34
CA LYS A 40 -17.20 -16.05 -11.37
C LYS A 40 -15.96 -16.80 -10.91
N TYR A 41 -15.02 -16.06 -10.34
CA TYR A 41 -13.78 -16.63 -9.84
C TYR A 41 -14.07 -17.68 -8.75
N LEU A 42 -14.91 -17.29 -7.80
CA LEU A 42 -15.26 -18.19 -6.70
C LEU A 42 -15.94 -19.46 -7.18
N GLU A 43 -16.86 -19.33 -8.12
CA GLU A 43 -17.56 -20.49 -8.64
C GLU A 43 -16.58 -21.43 -9.34
N GLU A 44 -15.65 -20.84 -10.10
CA GLU A 44 -14.65 -21.64 -10.82
C GLU A 44 -13.76 -22.41 -9.86
N HIS A 45 -13.64 -21.93 -8.64
CA HIS A 45 -12.80 -22.59 -7.64
C HIS A 45 -13.57 -23.39 -6.60
N GLN A 46 -14.78 -23.82 -6.98
CA GLN A 46 -15.62 -24.66 -6.14
C GLN A 46 -16.18 -24.05 -4.85
N TYR A 47 -16.27 -22.72 -4.78
CA TYR A 47 -16.81 -22.08 -3.59
C TYR A 47 -18.32 -21.96 -3.74
N ARG A 48 -19.03 -22.16 -2.63
CA ARG A 48 -20.49 -22.02 -2.63
C ARG A 48 -20.73 -20.55 -2.29
N VAL A 49 -21.18 -19.81 -3.29
CA VAL A 49 -21.41 -18.38 -3.14
C VAL A 49 -22.85 -17.95 -2.95
N ALA A 50 -23.06 -17.08 -1.97
CA ALA A 50 -24.38 -16.52 -1.68
C ALA A 50 -24.30 -15.03 -1.98
N ASP A 51 -24.85 -14.64 -3.13
CA ASP A 51 -24.84 -13.25 -3.56
C ASP A 51 -26.11 -12.57 -3.07
N VAL A 52 -25.97 -11.62 -2.15
CA VAL A 52 -27.11 -10.91 -1.59
C VAL A 52 -27.51 -9.68 -2.39
N THR A 53 -26.74 -9.40 -3.45
CA THR A 53 -27.05 -8.24 -4.29
C THR A 53 -26.97 -8.59 -5.77
N PRO A 54 -27.91 -9.41 -6.27
CA PRO A 54 -27.91 -9.80 -7.68
C PRO A 54 -27.96 -8.53 -8.53
N GLU A 55 -28.60 -7.50 -7.96
CA GLU A 55 -28.68 -6.19 -8.58
C GLU A 55 -27.93 -5.30 -7.61
N PRO A 56 -27.24 -4.26 -8.11
CA PRO A 56 -26.50 -3.39 -7.18
C PRO A 56 -27.41 -2.78 -6.11
N ALA A 57 -26.91 -2.70 -4.89
CA ALA A 57 -27.65 -2.13 -3.78
C ALA A 57 -27.74 -0.61 -3.96
N GLU A 58 -28.70 0.01 -3.31
CA GLU A 58 -28.89 1.45 -3.40
C GLU A 58 -27.61 2.18 -3.04
N ASP A 59 -26.97 1.74 -1.95
CA ASP A 59 -25.72 2.34 -1.48
C ASP A 59 -24.93 1.28 -0.71
N PHE A 60 -23.75 1.64 -0.22
CA PHE A 60 -22.93 0.68 0.51
C PHE A 60 -23.47 0.31 1.89
N VAL A 61 -24.34 1.15 2.44
CA VAL A 61 -24.91 0.83 3.74
C VAL A 61 -25.86 -0.36 3.53
N GLU A 62 -26.68 -0.28 2.49
CA GLU A 62 -27.62 -1.35 2.21
C GLU A 62 -26.91 -2.66 1.88
N SER A 63 -25.91 -2.60 1.02
CA SER A 63 -25.17 -3.80 0.64
C SER A 63 -24.39 -4.40 1.81
N SER A 64 -23.66 -3.56 2.54
CA SER A 64 -22.86 -4.06 3.67
C SER A 64 -23.73 -4.66 4.77
N LEU A 65 -24.90 -4.07 5.02
CA LEU A 65 -25.79 -4.59 6.03
C LEU A 65 -26.46 -5.87 5.54
N ALA A 66 -26.72 -5.95 4.24
CA ALA A 66 -27.34 -7.15 3.67
C ALA A 66 -26.36 -8.31 3.85
N VAL A 67 -25.09 -8.05 3.58
CA VAL A 67 -24.06 -9.08 3.72
C VAL A 67 -23.93 -9.52 5.17
N THR A 68 -23.95 -8.54 6.08
CA THR A 68 -23.83 -8.81 7.51
C THR A 68 -24.96 -9.70 8.03
N LYS A 69 -26.20 -9.37 7.64
CA LYS A 69 -27.36 -10.14 8.08
C LYS A 69 -27.27 -11.59 7.60
N LYS A 70 -26.98 -11.76 6.31
CA LYS A 70 -26.88 -13.09 5.71
C LYS A 70 -25.78 -13.91 6.38
N LEU A 71 -24.66 -13.27 6.66
CA LEU A 71 -23.52 -13.94 7.29
C LEU A 71 -23.81 -14.40 8.71
N LEU A 72 -24.22 -13.46 9.56
CA LEU A 72 -24.50 -13.75 10.96
C LEU A 72 -25.65 -14.74 11.13
N ASN A 73 -26.38 -15.02 10.06
CA ASN A 73 -27.50 -15.94 10.10
C ASN A 73 -27.13 -17.27 9.44
N SER A 74 -26.13 -17.23 8.57
CA SER A 74 -25.67 -18.41 7.85
C SER A 74 -24.58 -19.12 8.64
N ASP A 75 -24.12 -20.27 8.13
CA ASP A 75 -23.06 -21.03 8.79
C ASP A 75 -21.72 -20.61 8.19
N ALA A 76 -21.78 -19.73 7.18
CA ALA A 76 -20.58 -19.24 6.52
C ALA A 76 -19.82 -18.34 7.49
N HIS A 77 -18.50 -18.26 7.31
CA HIS A 77 -17.69 -17.40 8.17
C HIS A 77 -16.77 -16.53 7.34
N LYS A 78 -17.06 -16.44 6.05
CA LYS A 78 -16.29 -15.62 5.12
C LYS A 78 -17.26 -14.80 4.27
N ALA A 79 -16.93 -13.53 4.03
CA ALA A 79 -17.79 -12.67 3.23
C ALA A 79 -16.95 -11.55 2.59
N ILE A 80 -17.43 -11.04 1.45
CA ILE A 80 -16.73 -9.97 0.75
C ILE A 80 -17.71 -8.87 0.35
N MET A 81 -17.43 -7.64 0.75
CA MET A 81 -18.25 -6.48 0.43
C MET A 81 -17.49 -5.65 -0.58
N PHE A 82 -18.21 -5.16 -1.60
CA PHE A 82 -17.61 -4.35 -2.64
C PHE A 82 -18.28 -2.99 -2.74
N ASP A 83 -17.47 -1.94 -2.81
CA ASP A 83 -17.95 -0.58 -2.99
C ASP A 83 -16.79 0.21 -3.58
N ARG A 84 -16.94 1.53 -3.70
CA ARG A 84 -15.88 2.32 -4.30
C ARG A 84 -14.60 2.44 -3.48
N TYR A 85 -14.73 2.60 -2.17
CA TYR A 85 -13.54 2.78 -1.34
C TYR A 85 -13.31 1.76 -0.21
N GLY A 86 -14.28 0.89 0.02
CA GLY A 86 -14.14 -0.10 1.08
C GLY A 86 -14.48 0.47 2.44
N VAL A 87 -13.94 1.66 2.72
CA VAL A 87 -14.15 2.37 3.97
C VAL A 87 -15.61 2.39 4.44
N GLY A 88 -16.51 2.74 3.53
CA GLY A 88 -17.91 2.83 3.89
C GLY A 88 -18.57 1.53 4.32
N SER A 89 -18.37 0.47 3.55
CA SER A 89 -18.95 -0.82 3.87
C SER A 89 -18.49 -1.30 5.24
N ALA A 90 -17.24 -1.00 5.57
CA ALA A 90 -16.70 -1.41 6.88
C ALA A 90 -17.25 -0.53 7.99
N MET A 91 -17.27 0.78 7.76
CA MET A 91 -17.77 1.73 8.75
C MET A 91 -19.22 1.41 9.10
N ALA A 92 -20.04 1.12 8.09
CA ALA A 92 -21.43 0.81 8.33
C ALA A 92 -21.65 -0.56 8.96
N SER A 93 -21.08 -1.61 8.37
CA SER A 93 -21.27 -2.95 8.92
C SER A 93 -20.70 -3.15 10.31
N ASN A 94 -19.61 -2.46 10.65
CA ASN A 94 -19.04 -2.63 11.99
C ASN A 94 -19.92 -2.04 13.09
N LYS A 95 -20.98 -1.33 12.70
CA LYS A 95 -21.87 -0.76 13.70
C LYS A 95 -22.78 -1.87 14.21
N VAL A 96 -22.89 -2.95 13.45
CA VAL A 96 -23.74 -4.08 13.84
C VAL A 96 -23.06 -4.86 14.96
N LYS A 97 -23.80 -5.13 16.04
CA LYS A 97 -23.24 -5.85 17.17
C LYS A 97 -22.78 -7.25 16.76
N GLY A 98 -21.53 -7.58 17.10
CA GLY A 98 -21.00 -8.88 16.75
C GLY A 98 -20.27 -8.94 15.41
N MET A 99 -20.47 -7.93 14.57
CA MET A 99 -19.83 -7.94 13.27
C MET A 99 -18.41 -7.39 13.32
N VAL A 100 -17.55 -7.93 12.45
CA VAL A 100 -16.16 -7.49 12.34
C VAL A 100 -15.83 -7.48 10.87
N THR A 101 -15.66 -6.28 10.31
CA THR A 101 -15.36 -6.13 8.89
C THR A 101 -14.04 -5.41 8.68
N ALA A 102 -13.19 -6.00 7.83
CA ALA A 102 -11.89 -5.41 7.57
C ALA A 102 -11.75 -4.82 6.17
N VAL A 103 -11.39 -3.56 6.07
CA VAL A 103 -11.15 -2.96 4.77
C VAL A 103 -9.78 -3.54 4.42
N VAL A 104 -9.63 -4.10 3.23
CA VAL A 104 -8.34 -4.66 2.85
C VAL A 104 -7.87 -4.14 1.50
N GLU A 105 -6.66 -3.61 1.48
CA GLU A 105 -6.07 -3.10 0.26
C GLU A 105 -4.64 -3.61 0.00
N GLU A 106 -4.16 -4.50 0.86
CA GLU A 106 -2.86 -5.10 0.66
C GLU A 106 -2.85 -6.55 1.15
N GLU A 107 -1.84 -7.29 0.72
CA GLU A 107 -1.76 -8.71 1.00
C GLU A 107 -1.40 -9.22 2.40
N ASN A 108 -0.93 -8.35 3.29
CA ASN A 108 -0.61 -8.81 4.64
C ASN A 108 -1.89 -8.82 5.47
N THR A 109 -2.63 -7.72 5.45
CA THR A 109 -3.86 -7.66 6.22
C THR A 109 -4.83 -8.73 5.74
N ALA A 110 -4.77 -9.04 4.44
CA ALA A 110 -5.65 -10.05 3.84
C ALA A 110 -5.68 -11.32 4.68
N HIS A 111 -4.52 -11.77 5.16
CA HIS A 111 -4.52 -12.97 5.98
C HIS A 111 -4.47 -12.67 7.47
N MET A 112 -3.74 -11.63 7.87
CA MET A 112 -3.65 -11.31 9.30
C MET A 112 -4.99 -10.98 9.94
N THR A 113 -5.89 -10.33 9.20
CA THR A 113 -7.17 -9.99 9.80
C THR A 113 -8.01 -11.24 10.06
N ALA A 114 -7.81 -12.27 9.24
CA ALA A 114 -8.52 -13.53 9.45
C ALA A 114 -7.89 -14.24 10.65
N GLU A 115 -6.56 -14.35 10.64
CA GLU A 115 -5.83 -15.02 11.72
C GLU A 115 -6.07 -14.42 13.10
N HIS A 116 -5.96 -13.10 13.21
CA HIS A 116 -6.13 -12.41 14.48
C HIS A 116 -7.54 -11.96 14.79
N ASN A 117 -8.19 -11.32 13.83
CA ASN A 117 -9.54 -10.80 14.06
C ASN A 117 -10.60 -11.80 13.65
N GLY A 118 -11.85 -11.47 13.95
CA GLY A 118 -12.95 -12.35 13.59
C GLY A 118 -13.12 -12.34 12.10
N ALA A 119 -12.68 -11.24 11.47
CA ALA A 119 -12.77 -11.05 10.04
C ALA A 119 -13.93 -11.84 9.47
N LYS A 120 -15.14 -11.41 9.80
CA LYS A 120 -16.32 -12.09 9.29
C LYS A 120 -16.53 -11.65 7.86
N ALA A 121 -15.86 -10.56 7.48
CA ALA A 121 -15.95 -10.06 6.11
C ALA A 121 -14.83 -9.09 5.83
N ILE A 122 -14.49 -8.94 4.55
CA ILE A 122 -13.47 -7.97 4.15
C ILE A 122 -14.18 -7.05 3.18
N ALA A 123 -13.74 -5.80 3.13
CA ALA A 123 -14.33 -4.80 2.26
C ALA A 123 -13.27 -4.34 1.26
N ILE A 124 -13.61 -4.40 -0.03
CA ILE A 124 -12.68 -3.99 -1.07
C ILE A 124 -13.21 -2.77 -1.81
N GLY A 125 -12.35 -1.78 -2.00
CA GLY A 125 -12.73 -0.57 -2.70
C GLY A 125 -12.31 -0.68 -4.14
N THR A 126 -13.29 -0.75 -5.05
CA THR A 126 -13.01 -0.90 -6.47
C THR A 126 -12.28 0.29 -7.08
N GLY A 127 -12.33 1.43 -6.42
CA GLY A 127 -11.64 2.60 -6.95
C GLY A 127 -10.23 2.69 -6.37
N ILE A 128 -9.96 1.80 -5.41
CA ILE A 128 -8.65 1.77 -4.74
C ILE A 128 -7.78 0.58 -5.17
N THR A 129 -8.40 -0.60 -5.21
CA THR A 129 -7.70 -1.84 -5.51
C THR A 129 -8.00 -2.45 -6.89
N GLY A 130 -6.93 -2.72 -7.65
CA GLY A 130 -7.07 -3.32 -8.97
C GLY A 130 -7.53 -4.77 -8.88
N TYR A 131 -8.13 -5.29 -9.95
CA TYR A 131 -8.65 -6.66 -9.93
C TYR A 131 -7.67 -7.78 -9.59
N ASP A 132 -6.50 -7.79 -10.23
CA ASP A 132 -5.53 -8.85 -9.96
C ASP A 132 -5.13 -8.84 -8.49
N ARG A 133 -4.92 -7.66 -7.93
CA ARG A 133 -4.56 -7.56 -6.52
C ARG A 133 -5.71 -8.00 -5.63
N ALA A 134 -6.94 -7.63 -6.01
CA ALA A 134 -8.10 -8.00 -5.23
C ALA A 134 -8.22 -9.52 -5.12
N LEU A 135 -7.95 -10.22 -6.22
CA LEU A 135 -8.02 -11.67 -6.20
C LEU A 135 -7.00 -12.29 -5.25
N VAL A 136 -5.80 -11.73 -5.19
CA VAL A 136 -4.78 -12.26 -4.29
C VAL A 136 -5.22 -12.00 -2.85
N ILE A 137 -5.77 -10.81 -2.61
CA ILE A 137 -6.24 -10.45 -1.29
C ILE A 137 -7.36 -11.41 -0.88
N ILE A 138 -8.32 -11.60 -1.77
CA ILE A 138 -9.44 -12.49 -1.50
C ILE A 138 -9.01 -13.93 -1.23
N GLN A 139 -8.12 -14.48 -2.06
CA GLN A 139 -7.68 -15.85 -1.84
C GLN A 139 -6.93 -16.01 -0.52
N ARG A 140 -6.10 -15.04 -0.16
CA ARG A 140 -5.38 -15.11 1.11
C ARG A 140 -6.35 -15.07 2.29
N TYR A 141 -7.39 -14.24 2.16
CA TYR A 141 -8.38 -14.13 3.20
C TYR A 141 -9.14 -15.45 3.35
N LEU A 142 -9.56 -16.02 2.23
CA LEU A 142 -10.29 -17.28 2.25
C LEU A 142 -9.46 -18.46 2.71
N ASP A 143 -8.16 -18.43 2.45
CA ASP A 143 -7.29 -19.55 2.85
C ASP A 143 -6.82 -19.51 4.30
N THR A 144 -7.13 -18.44 5.01
CA THR A 144 -6.67 -18.30 6.39
C THR A 144 -7.72 -18.51 7.46
N GLU A 145 -7.38 -19.36 8.43
CA GLU A 145 -8.27 -19.66 9.55
C GLU A 145 -7.95 -18.80 10.76
N TYR A 146 -8.98 -18.52 11.55
CA TYR A 146 -8.82 -17.74 12.78
C TYR A 146 -7.96 -18.57 13.74
N ALA A 147 -7.00 -17.94 14.38
CA ALA A 147 -6.09 -18.65 15.28
C ALA A 147 -6.61 -18.85 16.70
N GLY A 148 -7.60 -18.05 17.10
CA GLY A 148 -8.13 -18.20 18.45
C GLY A 148 -7.06 -17.96 19.51
N GLY A 149 -7.13 -18.67 20.62
CA GLY A 149 -6.15 -18.48 21.67
C GLY A 149 -6.19 -17.09 22.28
N ARG A 150 -5.02 -16.46 22.39
CA ARG A 150 -4.92 -15.13 22.99
C ARG A 150 -5.79 -14.09 22.30
N HIS A 151 -6.01 -14.26 21.00
CA HIS A 151 -6.80 -13.31 20.23
C HIS A 151 -8.26 -13.24 20.63
N GLN A 152 -8.77 -14.31 21.23
CA GLN A 152 -10.17 -14.35 21.62
C GLN A 152 -10.58 -13.24 22.60
N ILE A 153 -9.66 -12.79 23.45
CA ILE A 153 -10.03 -11.74 24.38
C ILE A 153 -10.46 -10.48 23.65
N ARG A 154 -9.72 -10.13 22.59
CA ARG A 154 -10.05 -8.93 21.83
C ARG A 154 -11.38 -9.09 21.09
N LEU A 155 -11.65 -10.30 20.60
CA LEU A 155 -12.91 -10.54 19.90
C LEU A 155 -14.07 -10.50 20.89
N ASP A 156 -13.85 -11.00 22.09
CA ASP A 156 -14.90 -10.99 23.11
C ASP A 156 -15.20 -9.53 23.44
N MET A 157 -14.16 -8.70 23.48
CA MET A 157 -14.34 -7.28 23.78
C MET A 157 -15.14 -6.62 22.67
N LEU A 158 -14.78 -6.88 21.41
CA LEU A 158 -15.48 -6.30 20.27
C LEU A 158 -16.96 -6.71 20.21
N GLU A 159 -17.22 -7.99 20.44
CA GLU A 159 -18.61 -8.48 20.37
C GLU A 159 -19.48 -7.90 21.48
N LYS A 160 -18.83 -7.40 22.53
CA LYS A 160 -19.52 -6.82 23.67
C LYS A 160 -20.01 -5.40 23.33
N MET A 161 -19.32 -4.76 22.39
CA MET A 161 -19.63 -3.40 21.99
C MET A 161 -20.85 -3.30 21.07
N ILE A 162 -21.43 -2.10 20.97
CA ILE A 162 -22.61 -1.89 20.14
C ILE A 162 -22.34 -2.03 18.64
N MET B 1 -6.68 22.90 17.65
CA MET B 1 -7.50 21.66 17.55
C MET B 1 -6.89 20.57 18.42
N ILE B 2 -7.73 19.69 18.95
CA ILE B 2 -7.30 18.58 19.80
C ILE B 2 -7.46 17.24 19.09
N ILE B 3 -6.39 16.45 19.06
CA ILE B 3 -6.41 15.15 18.42
C ILE B 3 -6.15 14.07 19.47
N ALA B 4 -7.03 13.09 19.56
CA ALA B 4 -6.83 12.00 20.51
C ALA B 4 -6.20 10.88 19.69
N ILE B 5 -5.23 10.18 20.27
CA ILE B 5 -4.57 9.08 19.56
C ILE B 5 -4.42 7.89 20.48
N GLY B 6 -4.47 6.69 19.89
CA GLY B 6 -4.35 5.46 20.66
C GLY B 6 -3.73 4.37 19.81
N ASN B 7 -3.30 3.29 20.46
CA ASN B 7 -2.63 2.21 19.73
C ASN B 7 -2.47 0.99 20.62
N ASP B 8 -2.12 -0.15 20.00
CA ASP B 8 -1.83 -1.32 20.81
C ASP B 8 -0.31 -1.41 20.83
N HIS B 9 0.23 -2.39 21.52
CA HIS B 9 1.68 -2.54 21.68
C HIS B 9 2.52 -2.81 20.43
N ILE B 10 1.89 -3.25 19.36
CA ILE B 10 2.62 -3.56 18.13
C ILE B 10 3.10 -2.31 17.40
N VAL B 11 2.39 -1.20 17.56
CA VAL B 11 2.75 0.01 16.83
C VAL B 11 3.00 1.27 17.67
N THR B 12 3.43 1.08 18.90
CA THR B 12 3.72 2.22 19.77
C THR B 12 4.76 3.16 19.15
N MET B 13 5.76 2.62 18.46
CA MET B 13 6.79 3.45 17.86
C MET B 13 6.20 4.33 16.75
N GLN B 14 5.30 3.77 15.95
CA GLN B 14 4.67 4.54 14.88
C GLN B 14 3.77 5.60 15.50
N LYS B 15 3.11 5.27 16.61
CA LYS B 15 2.24 6.23 17.28
C LYS B 15 3.08 7.41 17.74
N ILE B 16 4.24 7.13 18.32
CA ILE B 16 5.13 8.18 18.80
C ILE B 16 5.51 9.12 17.66
N GLU B 17 5.84 8.57 16.50
CA GLU B 17 6.21 9.42 15.37
C GLU B 17 5.05 10.35 14.98
N ILE B 18 3.84 9.82 14.95
CA ILE B 18 2.69 10.63 14.58
C ILE B 18 2.40 11.67 15.65
N SER B 19 2.58 11.31 16.92
CA SER B 19 2.34 12.23 18.01
C SER B 19 3.29 13.42 17.85
N ASN B 20 4.56 13.12 17.62
CA ASN B 20 5.58 14.16 17.44
C ASN B 20 5.17 15.10 16.32
N MET B 21 4.77 14.53 15.19
CA MET B 21 4.37 15.31 14.03
C MET B 21 3.16 16.21 14.31
N LEU B 22 2.13 15.66 14.95
CA LEU B 22 0.95 16.44 15.26
C LEU B 22 1.29 17.66 16.11
N LYS B 23 2.15 17.47 17.10
CA LYS B 23 2.55 18.57 17.97
C LYS B 23 3.36 19.62 17.21
N ASP B 24 4.23 19.17 16.31
CA ASP B 24 5.02 20.11 15.51
C ASP B 24 4.09 20.91 14.60
N MET B 25 2.96 20.31 14.23
CA MET B 25 2.00 20.98 13.37
C MET B 25 1.07 21.93 14.14
N GLY B 26 1.20 21.96 15.46
CA GLY B 26 0.37 22.86 16.25
C GLY B 26 -0.86 22.26 16.91
N TYR B 27 -1.06 20.96 16.77
CA TYR B 27 -2.20 20.31 17.38
C TYR B 27 -1.93 19.98 18.83
N THR B 28 -2.98 19.86 19.63
CA THR B 28 -2.86 19.47 21.02
C THR B 28 -3.20 17.99 20.95
N VAL B 29 -2.35 17.16 21.53
CA VAL B 29 -2.53 15.72 21.50
C VAL B 29 -2.93 15.12 22.84
N ILE B 30 -3.89 14.21 22.81
CA ILE B 30 -4.31 13.49 24.01
C ILE B 30 -3.97 12.04 23.69
N ASP B 31 -2.84 11.57 24.23
CA ASP B 31 -2.38 10.20 23.98
C ASP B 31 -3.08 9.25 24.96
N GLU B 32 -3.90 8.34 24.42
CA GLU B 32 -4.65 7.36 25.19
C GLU B 32 -4.13 5.94 25.01
N GLY B 33 -3.75 5.62 23.76
CA GLY B 33 -3.23 4.32 23.36
C GLY B 33 -2.21 3.86 24.36
N THR B 34 -1.71 2.63 24.22
CA THR B 34 -0.75 2.17 25.19
C THR B 34 0.58 2.91 25.06
N TYR B 35 1.22 3.13 26.21
CA TYR B 35 2.46 3.90 26.28
C TYR B 35 3.77 3.15 26.12
N ASP B 36 3.73 1.84 26.26
CA ASP B 36 4.94 1.03 26.10
C ASP B 36 4.64 -0.06 25.07
N THR B 37 5.42 -1.14 25.03
CA THR B 37 5.16 -2.20 24.05
C THR B 37 4.85 -3.54 24.70
N HIS B 38 4.29 -3.47 25.91
CA HIS B 38 3.89 -4.66 26.66
C HIS B 38 2.57 -5.15 26.10
N ARG B 39 2.46 -6.45 25.84
CA ARG B 39 1.24 -7.02 25.28
C ARG B 39 -0.04 -6.53 25.94
N THR B 40 -0.93 -5.95 25.11
CA THR B 40 -2.20 -5.46 25.60
C THR B 40 -3.29 -5.65 24.55
N HIS B 41 -4.45 -5.02 24.76
CA HIS B 41 -5.61 -5.24 23.87
C HIS B 41 -6.16 -4.00 23.17
N TYR B 42 -6.14 -4.03 21.85
CA TYR B 42 -6.59 -2.89 21.07
C TYR B 42 -7.96 -2.29 21.36
N PRO B 43 -8.97 -3.09 21.77
CA PRO B 43 -10.26 -2.46 22.03
C PRO B 43 -10.24 -1.42 23.15
N ILE B 44 -9.36 -1.63 24.12
CA ILE B 44 -9.25 -0.71 25.25
C ILE B 44 -8.94 0.71 24.77
N TYR B 45 -7.95 0.83 23.90
CA TYR B 45 -7.52 2.14 23.43
C TYR B 45 -8.43 2.71 22.36
N GLY B 46 -9.01 1.83 21.55
CA GLY B 46 -9.94 2.29 20.52
C GLY B 46 -11.12 2.95 21.21
N LYS B 47 -11.61 2.34 22.29
CA LYS B 47 -12.75 2.88 23.03
C LYS B 47 -12.41 4.21 23.70
N LYS B 48 -11.22 4.30 24.29
CA LYS B 48 -10.80 5.52 24.96
C LYS B 48 -10.74 6.70 23.98
N VAL B 49 -10.15 6.47 22.82
CA VAL B 49 -10.05 7.52 21.82
C VAL B 49 -11.45 7.88 21.31
N ALA B 50 -12.26 6.86 21.04
CA ALA B 50 -13.62 7.10 20.56
C ALA B 50 -14.39 8.01 21.51
N GLU B 51 -14.32 7.73 22.81
CA GLU B 51 -15.06 8.55 23.76
C GLU B 51 -14.52 9.96 23.88
N ASP B 52 -13.21 10.15 23.73
CA ASP B 52 -12.65 11.50 23.78
C ASP B 52 -13.33 12.31 22.68
N VAL B 53 -13.46 11.71 21.52
CA VAL B 53 -14.07 12.38 20.37
C VAL B 53 -15.58 12.57 20.54
N ALA B 54 -16.27 11.53 20.98
CA ALA B 54 -17.71 11.58 21.15
C ALA B 54 -18.15 12.53 22.28
N ASP B 55 -17.36 12.61 23.33
CA ASP B 55 -17.67 13.48 24.46
C ASP B 55 -17.17 14.91 24.28
N GLY B 56 -16.51 15.17 23.15
CA GLY B 56 -16.03 16.52 22.89
C GLY B 56 -14.72 16.91 23.54
N ARG B 57 -13.98 15.93 24.06
CA ARG B 57 -12.68 16.22 24.67
C ARG B 57 -11.62 16.35 23.57
N ALA B 58 -11.93 15.79 22.41
CA ALA B 58 -11.04 15.86 21.26
C ALA B 58 -11.88 16.08 20.01
N ASP B 59 -11.32 16.78 19.03
CA ASP B 59 -12.02 17.06 17.77
C ASP B 59 -12.04 15.85 16.83
N LEU B 60 -10.90 15.16 16.76
CA LEU B 60 -10.76 13.99 15.90
C LEU B 60 -9.89 12.98 16.61
N GLY B 61 -9.90 11.74 16.11
CA GLY B 61 -9.11 10.69 16.71
C GLY B 61 -8.35 9.90 15.66
N ILE B 62 -7.23 9.31 16.07
CA ILE B 62 -6.41 8.50 15.19
C ILE B 62 -6.04 7.26 15.99
N VAL B 63 -6.31 6.09 15.45
CA VAL B 63 -5.98 4.85 16.16
C VAL B 63 -5.18 3.89 15.26
N MET B 64 -4.22 3.20 15.85
CA MET B 64 -3.42 2.27 15.07
C MET B 64 -3.09 1.00 15.81
N CYS B 65 -2.97 -0.07 15.04
CA CYS B 65 -2.53 -1.37 15.56
C CYS B 65 -1.81 -1.99 14.38
N GLY B 66 -1.34 -3.24 14.49
CA GLY B 66 -0.61 -3.84 13.37
C GLY B 66 -1.22 -3.56 12.01
N THR B 67 -2.50 -3.92 11.85
CA THR B 67 -3.21 -3.72 10.59
C THR B 67 -4.20 -2.56 10.69
N GLY B 68 -4.55 -2.18 11.91
CA GLY B 68 -5.51 -1.10 12.11
C GLY B 68 -6.94 -1.60 12.21
N ILE B 69 -7.18 -2.79 11.67
CA ILE B 69 -8.54 -3.35 11.67
C ILE B 69 -9.15 -3.47 13.08
N GLY B 70 -8.41 -4.08 13.99
CA GLY B 70 -8.96 -4.24 15.33
C GLY B 70 -9.30 -2.95 16.05
N ILE B 71 -8.36 -2.02 16.12
CA ILE B 71 -8.59 -0.78 16.85
C ILE B 71 -9.56 0.16 16.17
N SER B 72 -9.58 0.17 14.84
CA SER B 72 -10.51 1.06 14.14
C SER B 72 -11.93 0.51 14.27
N THR B 73 -12.07 -0.81 14.35
CA THR B 73 -13.37 -1.43 14.51
C THR B 73 -13.87 -1.13 15.93
N ALA B 74 -12.98 -1.25 16.90
CA ALA B 74 -13.34 -0.96 18.28
C ALA B 74 -13.83 0.48 18.37
N ALA B 75 -13.10 1.39 17.74
CA ALA B 75 -13.47 2.79 17.78
C ALA B 75 -14.84 3.04 17.12
N ASP B 76 -15.09 2.37 16.00
CA ASP B 76 -16.35 2.53 15.28
C ASP B 76 -17.58 2.09 16.09
N LYS B 77 -17.37 1.14 16.99
CA LYS B 77 -18.44 0.60 17.81
C LYS B 77 -18.72 1.43 19.06
N ASN B 78 -18.91 2.73 18.86
CA ASN B 78 -19.20 3.67 19.93
C ASN B 78 -20.15 4.74 19.41
N GLU B 79 -20.97 5.28 20.31
CA GLU B 79 -21.92 6.32 19.93
C GLU B 79 -21.18 7.56 19.43
N GLY B 80 -21.74 8.20 18.41
CA GLY B 80 -21.18 9.41 17.85
C GLY B 80 -19.94 9.29 17.00
N ILE B 81 -19.45 8.07 16.80
CA ILE B 81 -18.24 7.87 16.01
C ILE B 81 -18.47 7.28 14.63
N ARG B 82 -17.66 7.76 13.68
CA ARG B 82 -17.66 7.26 12.31
C ARG B 82 -16.17 7.04 12.07
N ALA B 83 -15.71 5.82 12.32
CA ALA B 83 -14.30 5.48 12.16
C ALA B 83 -13.99 4.90 10.79
N ALA B 84 -12.99 5.49 10.13
CA ALA B 84 -12.57 5.04 8.81
C ALA B 84 -11.20 4.39 8.84
N MET B 85 -11.15 3.14 8.34
CA MET B 85 -9.93 2.36 8.25
C MET B 85 -9.29 2.68 6.90
N CYS B 86 -8.23 3.48 6.91
CA CYS B 86 -7.58 3.89 5.67
C CYS B 86 -6.06 3.76 5.61
N ASP B 87 -5.57 2.78 4.85
CA ASP B 87 -4.12 2.61 4.68
C ASP B 87 -3.63 3.41 3.46
N ASP B 88 -4.47 4.30 2.93
CA ASP B 88 -4.08 5.11 1.77
C ASP B 88 -4.63 6.52 1.86
N VAL B 89 -4.02 7.44 1.13
CA VAL B 89 -4.45 8.84 1.15
C VAL B 89 -5.80 9.07 0.49
N THR B 90 -6.03 8.40 -0.62
CA THR B 90 -7.27 8.56 -1.37
C THR B 90 -8.54 8.26 -0.57
N SER B 91 -8.59 7.10 0.09
CA SER B 91 -9.80 6.76 0.86
C SER B 91 -9.89 7.58 2.14
N ALA B 92 -8.75 8.04 2.67
CA ALA B 92 -8.75 8.85 3.88
C ALA B 92 -9.40 10.20 3.59
N VAL B 93 -9.08 10.78 2.44
CA VAL B 93 -9.66 12.07 2.05
C VAL B 93 -11.15 11.89 1.82
N TYR B 94 -11.51 10.76 1.20
CA TYR B 94 -12.91 10.45 0.92
C TYR B 94 -13.66 10.32 2.24
N ALA B 95 -13.03 9.67 3.21
CA ALA B 95 -13.64 9.46 4.51
C ALA B 95 -14.01 10.75 5.20
N ARG B 96 -13.12 11.74 5.12
CA ARG B 96 -13.34 13.03 5.74
C ARG B 96 -14.31 13.90 4.95
N GLU B 97 -14.07 14.01 3.64
CA GLU B 97 -14.93 14.83 2.77
C GLU B 97 -16.35 14.33 2.59
N GLN B 98 -16.51 13.02 2.44
CA GLN B 98 -17.84 12.45 2.21
C GLN B 98 -18.55 11.85 3.41
N LEU B 99 -17.82 11.19 4.29
CA LEU B 99 -18.45 10.56 5.45
C LEU B 99 -18.25 11.30 6.77
N ASN B 100 -17.53 12.42 6.73
CA ASN B 100 -17.28 13.22 7.92
C ASN B 100 -16.71 12.34 9.03
N ALA B 101 -15.89 11.36 8.64
CA ALA B 101 -15.27 10.44 9.60
C ALA B 101 -14.52 11.23 10.65
N ASN B 102 -14.73 10.91 11.92
CA ASN B 102 -14.06 11.62 13.01
C ASN B 102 -12.98 10.80 13.72
N VAL B 103 -12.74 9.59 13.22
CA VAL B 103 -11.68 8.74 13.75
C VAL B 103 -11.03 8.06 12.56
N LEU B 104 -9.71 8.21 12.46
CA LEU B 104 -8.92 7.62 11.39
C LEU B 104 -8.16 6.41 11.91
N GLY B 105 -8.25 5.30 11.19
CA GLY B 105 -7.54 4.10 11.59
C GLY B 105 -6.46 3.77 10.57
N ILE B 106 -5.29 3.35 11.03
CA ILE B 106 -4.20 3.02 10.12
C ILE B 106 -3.42 1.80 10.63
N GLY B 107 -2.92 1.00 9.70
CA GLY B 107 -2.14 -0.18 10.08
C GLY B 107 -0.67 0.22 10.18
N GLY B 108 -0.20 0.42 11.42
CA GLY B 108 1.17 0.83 11.64
C GLY B 108 2.25 -0.17 11.24
N ALA B 109 1.88 -1.43 11.03
CA ALA B 109 2.86 -2.44 10.64
C ALA B 109 2.79 -2.79 9.17
N VAL B 110 1.82 -2.23 8.45
CA VAL B 110 1.72 -2.51 7.02
C VAL B 110 1.96 -1.26 6.18
N VAL B 111 1.85 -0.10 6.80
CA VAL B 111 2.07 1.16 6.11
C VAL B 111 3.37 1.77 6.64
N GLY B 112 4.24 2.23 5.75
CA GLY B 112 5.50 2.82 6.17
C GLY B 112 5.28 4.19 6.77
N VAL B 113 6.15 4.60 7.68
CA VAL B 113 6.00 5.89 8.36
C VAL B 113 5.77 7.10 7.45
N HIS B 114 6.50 7.21 6.35
CA HIS B 114 6.29 8.36 5.46
C HIS B 114 4.89 8.40 4.89
N LEU B 115 4.35 7.24 4.54
CA LEU B 115 3.00 7.19 4.00
C LEU B 115 2.00 7.41 5.13
N ILE B 116 2.31 6.95 6.34
CA ILE B 116 1.40 7.19 7.45
C ILE B 116 1.28 8.70 7.64
N GLN B 117 2.42 9.39 7.60
CA GLN B 117 2.43 10.84 7.77
C GLN B 117 1.53 11.49 6.71
N ASP B 118 1.66 11.03 5.47
CA ASP B 118 0.86 11.57 4.37
C ASP B 118 -0.64 11.32 4.55
N ILE B 119 -0.97 10.12 5.03
CA ILE B 119 -2.38 9.79 5.24
C ILE B 119 -2.97 10.70 6.32
N VAL B 120 -2.25 10.83 7.43
CA VAL B 120 -2.70 11.68 8.53
C VAL B 120 -2.85 13.12 8.05
N LYS B 121 -1.83 13.63 7.38
CA LYS B 121 -1.88 15.01 6.89
C LYS B 121 -3.07 15.25 5.96
N ALA B 122 -3.27 14.34 5.02
CA ALA B 122 -4.36 14.46 4.05
C ALA B 122 -5.71 14.41 4.74
N TYR B 123 -5.85 13.52 5.70
CA TYR B 123 -7.09 13.37 6.45
C TYR B 123 -7.43 14.65 7.20
N LEU B 124 -6.43 15.18 7.90
CA LEU B 124 -6.61 16.41 8.69
C LEU B 124 -6.85 17.64 7.82
N ASP B 125 -6.16 17.71 6.69
CA ASP B 125 -6.29 18.85 5.79
C ASP B 125 -7.64 18.86 5.09
N ALA B 126 -8.21 17.67 4.90
CA ALA B 126 -9.50 17.53 4.23
C ALA B 126 -10.60 18.18 5.07
N THR B 127 -11.68 18.58 4.40
CA THR B 127 -12.81 19.21 5.07
C THR B 127 -14.10 18.53 4.61
N TYR B 128 -14.99 18.26 5.56
CA TYR B 128 -16.27 17.63 5.21
C TYR B 128 -17.10 18.62 4.41
N LYS B 129 -17.67 18.14 3.31
CA LYS B 129 -18.50 18.97 2.43
C LYS B 129 -19.86 18.28 2.29
N GLU B 130 -20.84 18.77 3.04
CA GLU B 130 -22.18 18.19 3.00
C GLU B 130 -22.86 18.25 1.65
N THR B 131 -23.60 17.19 1.35
CA THR B 131 -24.36 17.09 0.12
C THR B 131 -25.58 16.24 0.47
N PRO B 132 -26.70 16.42 -0.25
CA PRO B 132 -27.90 15.64 0.05
C PRO B 132 -27.62 14.14 0.02
N GLU B 133 -26.62 13.76 -0.77
CA GLU B 133 -26.24 12.35 -0.90
C GLU B 133 -25.48 11.80 0.30
N ASN B 134 -24.39 12.45 0.70
CA ASN B 134 -23.63 11.93 1.84
C ASN B 134 -24.29 12.21 3.18
N LYS B 135 -25.16 13.22 3.24
CA LYS B 135 -25.86 13.53 4.48
C LYS B 135 -26.76 12.34 4.78
N LYS B 136 -27.34 11.78 3.73
CA LYS B 136 -28.24 10.63 3.85
C LYS B 136 -27.48 9.36 4.25
N LEU B 137 -26.27 9.20 3.72
CA LEU B 137 -25.44 8.04 4.04
C LEU B 137 -25.01 8.13 5.51
N ILE B 138 -24.54 9.31 5.89
CA ILE B 138 -24.10 9.57 7.26
C ILE B 138 -25.23 9.31 8.26
N ASP B 139 -26.44 9.76 7.95
CA ASP B 139 -27.56 9.56 8.85
C ASP B 139 -27.82 8.06 9.04
N LYS B 140 -27.76 7.30 7.94
CA LYS B 140 -27.97 5.87 8.02
C LYS B 140 -26.95 5.22 8.96
N ILE B 141 -25.69 5.57 8.76
CA ILE B 141 -24.60 5.02 9.56
C ILE B 141 -24.75 5.37 11.04
N ASP B 142 -25.17 6.59 11.34
CA ASP B 142 -25.33 7.02 12.72
C ASP B 142 -26.49 6.34 13.44
N ASN B 143 -27.36 5.67 12.69
CA ASN B 143 -28.53 5.03 13.30
C ASN B 143 -28.55 3.50 13.23
N ILE B 144 -27.43 2.89 12.85
CA ILE B 144 -27.38 1.44 12.75
C ILE B 144 -27.30 0.77 14.12
N ALA B 145 -26.37 1.24 14.94
CA ALA B 145 -26.15 0.67 16.25
C ALA B 145 -27.19 1.11 17.29
N LYS B 146 -27.43 0.24 18.26
CA LYS B 146 -28.37 0.52 19.33
C LYS B 146 -27.52 0.94 20.53
N PRO B 147 -27.70 2.19 21.01
CA PRO B 147 -26.94 2.70 22.15
C PRO B 147 -27.02 1.81 23.39
N ASN B 148 -25.89 1.67 24.09
CA ASN B 148 -25.84 0.88 25.31
C ASN B 148 -25.28 1.75 26.42
N PRO B 149 -26.14 2.29 27.29
CA PRO B 149 -25.68 3.14 28.39
C PRO B 149 -24.63 2.47 29.28
N ASP B 150 -24.62 1.15 29.30
CA ASP B 150 -23.65 0.43 30.12
C ASP B 150 -22.24 0.53 29.56
N GLN B 151 -22.15 0.78 28.25
CA GLN B 151 -20.84 0.91 27.60
C GLN B 151 -20.39 2.37 27.58
N LYS B 152 -21.34 3.28 27.34
CA LYS B 152 -21.05 4.71 27.25
C LYS B 152 -20.39 5.28 28.50
N ASP B 153 -19.18 5.82 28.31
CA ASP B 153 -18.41 6.42 29.39
C ASP B 153 -18.09 5.50 30.55
N ASN B 154 -18.10 4.19 30.29
CA ASN B 154 -17.78 3.20 31.31
C ASN B 154 -16.39 2.64 31.01
N PRO B 155 -15.37 3.09 31.74
CA PRO B 155 -14.00 2.62 31.53
C PRO B 155 -13.75 1.21 32.05
N HIS B 156 -14.71 0.67 32.79
CA HIS B 156 -14.58 -0.67 33.36
C HIS B 156 -15.29 -1.70 32.49
N PHE B 157 -15.78 -1.26 31.35
CA PHE B 157 -16.53 -2.12 30.44
C PHE B 157 -15.89 -3.47 30.09
N PHE B 158 -14.57 -3.51 30.00
CA PHE B 158 -13.89 -4.76 29.65
C PHE B 158 -13.26 -5.49 30.84
N ASP B 159 -13.56 -5.05 32.05
CA ASP B 159 -12.97 -5.67 33.25
C ASP B 159 -13.12 -7.18 33.33
N ALA B 160 -14.27 -7.70 32.93
CA ALA B 160 -14.50 -9.15 32.98
C ALA B 160 -13.48 -9.89 32.10
N GLU B 161 -13.21 -9.35 30.93
CA GLU B 161 -12.26 -9.97 30.02
C GLU B 161 -10.83 -9.84 30.56
N LEU B 162 -10.51 -8.69 31.15
CA LEU B 162 -9.18 -8.47 31.71
C LEU B 162 -8.89 -9.43 32.86
N GLU B 163 -9.93 -9.78 33.61
CA GLU B 163 -9.77 -10.70 34.72
C GLU B 163 -9.51 -12.11 34.19
N LYS B 164 -10.28 -12.49 33.17
CA LYS B 164 -10.13 -13.81 32.56
C LYS B 164 -8.73 -13.95 31.95
N TRP B 165 -8.17 -12.83 31.50
CA TRP B 165 -6.84 -12.83 30.92
C TRP B 165 -5.80 -13.03 32.01
N ALA B 166 -5.98 -12.32 33.12
CA ALA B 166 -5.06 -12.42 34.24
C ALA B 166 -5.09 -13.83 34.84
N GLU B 167 -6.15 -14.56 34.54
CA GLU B 167 -6.30 -15.92 35.05
C GLU B 167 -5.92 -17.01 34.04
N GLY B 168 -5.28 -16.61 32.95
CA GLY B 168 -4.86 -17.56 31.94
C GLY B 168 -5.92 -18.21 31.07
N VAL B 169 -7.13 -17.67 31.07
CA VAL B 169 -8.21 -18.22 30.28
C VAL B 169 -7.96 -18.13 28.77
N TYR B 170 -7.20 -17.11 28.36
CA TYR B 170 -6.91 -16.89 26.96
C TYR B 170 -5.52 -17.37 26.54
N HIS B 171 -5.08 -18.49 27.10
CA HIS B 171 -3.76 -19.05 26.76
C HIS B 171 -3.76 -19.49 25.30
N ASP B 172 -2.56 -19.57 24.72
CA ASP B 172 -2.41 -20.01 23.34
C ASP B 172 -2.28 -21.54 23.33
N MET C 21 1.29 22.86 -19.02
CA MET C 21 2.25 21.73 -18.83
C MET C 21 1.92 20.58 -19.77
N ASP C 22 2.96 19.86 -20.20
CA ASP C 22 2.78 18.73 -21.11
C ASP C 22 2.95 17.40 -20.36
N VAL C 23 2.23 16.39 -20.84
CA VAL C 23 2.29 15.06 -20.25
C VAL C 23 2.29 14.03 -21.37
N ILE C 24 3.27 13.14 -21.36
CA ILE C 24 3.36 12.09 -22.37
C ILE C 24 2.74 10.83 -21.77
N ILE C 25 1.86 10.18 -22.52
CA ILE C 25 1.22 8.95 -22.03
C ILE C 25 1.27 7.82 -23.06
N GLY C 26 1.17 6.59 -22.58
CA GLY C 26 1.22 5.43 -23.45
C GLY C 26 0.77 4.21 -22.69
N ALA C 27 0.36 3.17 -23.40
CA ALA C 27 -0.10 1.95 -22.74
C ALA C 27 -0.14 0.73 -23.65
N ASP C 28 -0.10 -0.45 -23.05
CA ASP C 28 -0.20 -1.68 -23.82
C ASP C 28 -1.67 -2.08 -23.75
N LYS C 29 -2.01 -3.30 -24.15
CA LYS C 29 -3.41 -3.71 -24.13
C LYS C 29 -4.05 -3.72 -22.75
N ASP C 30 -3.28 -4.07 -21.73
CA ASP C 30 -3.81 -4.12 -20.36
C ASP C 30 -4.07 -2.76 -19.73
N GLY C 31 -3.23 -1.79 -20.05
CA GLY C 31 -3.42 -0.47 -19.46
C GLY C 31 -4.13 0.53 -20.34
N PHE C 32 -4.50 0.11 -21.55
CA PHE C 32 -5.17 1.00 -22.50
C PHE C 32 -6.44 1.66 -21.96
N ALA C 33 -7.32 0.87 -21.35
CA ALA C 33 -8.58 1.40 -20.82
C ALA C 33 -8.36 2.57 -19.86
N MET C 34 -7.53 2.37 -18.84
CA MET C 34 -7.28 3.44 -17.89
C MET C 34 -6.59 4.60 -18.60
N LYS C 35 -5.70 4.30 -19.54
CA LYS C 35 -4.99 5.33 -20.28
C LYS C 35 -5.98 6.27 -20.96
N GLU C 36 -7.02 5.70 -21.57
CA GLU C 36 -8.04 6.49 -22.24
C GLU C 36 -8.80 7.35 -21.24
N GLN C 37 -9.08 6.80 -20.06
CA GLN C 37 -9.81 7.53 -19.02
C GLN C 37 -8.97 8.71 -18.52
N VAL C 38 -7.70 8.46 -18.26
CA VAL C 38 -6.81 9.50 -17.78
C VAL C 38 -6.60 10.59 -18.81
N LYS C 39 -6.56 10.22 -20.09
CA LYS C 39 -6.37 11.21 -21.15
C LYS C 39 -7.53 12.21 -21.13
N LYS C 40 -8.74 11.69 -20.99
CA LYS C 40 -9.94 12.53 -20.95
C LYS C 40 -9.86 13.41 -19.71
N TYR C 41 -9.43 12.82 -18.60
CA TYR C 41 -9.30 13.56 -17.34
C TYR C 41 -8.32 14.71 -17.53
N LEU C 42 -7.12 14.38 -18.00
CA LEU C 42 -6.07 15.36 -18.20
C LEU C 42 -6.47 16.48 -19.15
N GLU C 43 -7.10 16.13 -20.27
CA GLU C 43 -7.51 17.13 -21.25
C GLU C 43 -8.59 18.04 -20.65
N GLU C 44 -9.40 17.50 -19.75
CA GLU C 44 -10.45 18.27 -19.11
C GLU C 44 -9.85 19.26 -18.11
N HIS C 45 -8.64 18.98 -17.66
CA HIS C 45 -7.97 19.84 -16.68
C HIS C 45 -6.88 20.72 -17.27
N GLN C 46 -7.09 21.13 -18.52
CA GLN C 46 -6.18 22.00 -19.24
C GLN C 46 -4.78 21.46 -19.54
N TYR C 47 -4.60 20.15 -19.41
CA TYR C 47 -3.30 19.54 -19.69
C TYR C 47 -3.14 19.21 -21.17
N ARG C 48 -1.95 19.51 -21.71
CA ARG C 48 -1.66 19.20 -23.10
C ARG C 48 -1.04 17.81 -23.12
N VAL C 49 -1.79 16.85 -23.63
CA VAL C 49 -1.35 15.45 -23.65
C VAL C 49 -0.84 14.94 -24.99
N ALA C 50 0.25 14.17 -24.93
CA ALA C 50 0.84 13.57 -26.12
C ALA C 50 0.70 12.06 -25.95
N ASP C 51 -0.26 11.48 -26.67
CA ASP C 51 -0.54 10.05 -26.61
C ASP C 51 0.25 9.32 -27.68
N VAL C 52 1.24 8.54 -27.27
CA VAL C 52 2.07 7.80 -28.22
C VAL C 52 1.53 6.41 -28.55
N THR C 53 0.38 6.06 -27.98
CA THR C 53 -0.23 4.77 -28.26
C THR C 53 -1.73 4.92 -28.49
N PRO C 54 -2.11 5.65 -29.55
CA PRO C 54 -3.53 5.86 -29.87
C PRO C 54 -4.23 4.51 -29.94
N GLU C 55 -3.48 3.50 -30.34
CA GLU C 55 -3.97 2.13 -30.40
C GLU C 55 -3.05 1.42 -29.40
N PRO C 56 -3.57 0.44 -28.65
CA PRO C 56 -2.72 -0.26 -27.69
C PRO C 56 -1.44 -0.84 -28.28
N ALA C 57 -0.33 -0.69 -27.55
CA ALA C 57 0.97 -1.21 -27.99
C ALA C 57 0.98 -2.73 -27.89
N GLU C 58 1.88 -3.35 -28.65
CA GLU C 58 2.01 -4.81 -28.66
C GLU C 58 2.18 -5.35 -27.25
N ASP C 59 3.04 -4.69 -26.48
CA ASP C 59 3.29 -5.08 -25.10
C ASP C 59 3.86 -3.89 -24.33
N PHE C 60 4.15 -4.07 -23.04
CA PHE C 60 4.66 -2.97 -22.22
C PHE C 60 6.07 -2.53 -22.58
N VAL C 61 6.82 -3.36 -23.28
CA VAL C 61 8.17 -2.98 -23.67
C VAL C 61 8.03 -1.93 -24.77
N GLU C 62 7.12 -2.18 -25.71
CA GLU C 62 6.90 -1.25 -26.81
C GLU C 62 6.29 0.08 -26.35
N SER C 63 5.31 0.01 -25.45
CA SER C 63 4.66 1.22 -24.97
C SER C 63 5.59 2.05 -24.08
N SER C 64 6.32 1.41 -23.17
CA SER C 64 7.20 2.15 -22.28
C SER C 64 8.37 2.79 -23.05
N LEU C 65 8.89 2.07 -24.03
CA LEU C 65 9.99 2.59 -24.83
C LEU C 65 9.50 3.73 -25.73
N ALA C 66 8.24 3.65 -26.16
CA ALA C 66 7.67 4.68 -27.01
C ALA C 66 7.52 5.96 -26.20
N VAL C 67 7.05 5.82 -24.96
CA VAL C 67 6.88 6.97 -24.08
C VAL C 67 8.23 7.58 -23.76
N THR C 68 9.22 6.73 -23.48
CA THR C 68 10.57 7.18 -23.15
C THR C 68 11.17 7.98 -24.30
N LYS C 69 11.07 7.42 -25.51
CA LYS C 69 11.61 8.07 -26.70
C LYS C 69 11.01 9.46 -26.88
N LYS C 70 9.68 9.54 -26.83
CA LYS C 70 9.00 10.81 -26.99
C LYS C 70 9.36 11.80 -25.89
N LEU C 71 9.60 11.29 -24.68
CA LEU C 71 9.96 12.13 -23.55
C LEU C 71 11.36 12.72 -23.69
N LEU C 72 12.35 11.84 -23.79
CA LEU C 72 13.74 12.27 -23.92
C LEU C 72 13.94 13.11 -25.18
N ASN C 73 13.01 12.99 -26.13
CA ASN C 73 13.07 13.75 -27.36
C ASN C 73 11.92 14.74 -27.41
N SER C 74 11.83 15.58 -26.39
CA SER C 74 10.78 16.58 -26.27
C SER C 74 11.09 17.52 -25.11
N ASP C 75 10.26 18.53 -24.92
CA ASP C 75 10.48 19.49 -23.84
C ASP C 75 9.55 19.22 -22.65
N ALA C 76 9.03 18.00 -22.59
CA ALA C 76 8.14 17.61 -21.49
C ALA C 76 8.97 16.87 -20.45
N HIS C 77 8.57 16.97 -19.18
CA HIS C 77 9.31 16.30 -18.12
C HIS C 77 8.40 15.42 -17.26
N LYS C 78 7.19 15.18 -17.75
CA LYS C 78 6.21 14.35 -17.04
C LYS C 78 5.62 13.35 -18.03
N ALA C 79 5.53 12.09 -17.61
CA ALA C 79 4.98 11.03 -18.46
C ALA C 79 4.34 9.94 -17.61
N ILE C 80 3.31 9.29 -18.17
CA ILE C 80 2.62 8.22 -17.47
C ILE C 80 2.53 6.99 -18.36
N MET C 81 3.00 5.86 -17.84
CA MET C 81 2.95 4.61 -18.59
C MET C 81 1.92 3.70 -17.94
N PHE C 82 1.05 3.10 -18.75
CA PHE C 82 0.01 2.22 -18.24
C PHE C 82 0.18 0.79 -18.75
N ASP C 83 0.07 -0.17 -17.84
CA ASP C 83 0.13 -1.58 -18.18
C ASP C 83 -0.56 -2.32 -17.05
N ARG C 84 -0.44 -3.63 -17.01
CA ARG C 84 -1.15 -4.40 -15.99
C ARG C 84 -0.56 -4.33 -14.58
N TYR C 85 0.76 -4.41 -14.47
CA TYR C 85 1.40 -4.44 -13.16
C TYR C 85 2.36 -3.31 -12.83
N GLY C 86 2.63 -2.43 -13.79
CA GLY C 86 3.55 -1.32 -13.57
C GLY C 86 5.01 -1.70 -13.61
N VAL C 87 5.36 -2.79 -12.93
CA VAL C 87 6.73 -3.27 -12.87
C VAL C 87 7.38 -3.40 -14.24
N GLY C 88 6.67 -4.02 -15.18
CA GLY C 88 7.22 -4.22 -16.51
C GLY C 88 7.64 -2.94 -17.23
N SER C 89 6.74 -1.96 -17.29
CA SER C 89 7.06 -0.72 -17.97
C SER C 89 8.26 -0.02 -17.33
N ALA C 90 8.39 -0.11 -16.02
CA ALA C 90 9.52 0.53 -15.34
C ALA C 90 10.80 -0.25 -15.59
N MET C 91 10.71 -1.57 -15.50
CA MET C 91 11.85 -2.44 -15.70
C MET C 91 12.43 -2.23 -17.10
N ALA C 92 11.54 -2.09 -18.08
CA ALA C 92 11.95 -1.90 -19.46
C ALA C 92 12.51 -0.52 -19.73
N SER C 93 11.73 0.52 -19.43
CA SER C 93 12.17 1.88 -19.69
C SER C 93 13.41 2.31 -18.91
N ASN C 94 13.64 1.73 -17.73
CA ASN C 94 14.81 2.12 -16.96
C ASN C 94 16.12 1.61 -17.56
N LYS C 95 16.02 0.71 -18.54
CA LYS C 95 17.20 0.19 -19.21
C LYS C 95 17.78 1.24 -20.16
N VAL C 96 16.94 2.20 -20.52
CA VAL C 96 17.37 3.28 -21.43
C VAL C 96 18.24 4.30 -20.69
N LYS C 97 19.45 4.53 -21.21
CA LYS C 97 20.36 5.48 -20.58
C LYS C 97 19.72 6.86 -20.40
N GLY C 98 19.73 7.35 -19.16
CA GLY C 98 19.17 8.66 -18.88
C GLY C 98 17.73 8.66 -18.42
N MET C 99 17.04 7.55 -18.63
CA MET C 99 15.64 7.46 -18.23
C MET C 99 15.51 7.08 -16.76
N VAL C 100 14.44 7.58 -16.14
CA VAL C 100 14.13 7.27 -14.74
C VAL C 100 12.63 7.12 -14.67
N THR C 101 12.18 5.88 -14.44
CA THR C 101 10.76 5.58 -14.37
C THR C 101 10.39 4.97 -13.03
N ALA C 102 9.37 5.53 -12.39
CA ALA C 102 8.94 5.05 -11.10
C ALA C 102 7.60 4.34 -11.11
N VAL C 103 7.57 3.11 -10.61
CA VAL C 103 6.31 2.38 -10.51
C VAL C 103 5.66 3.07 -9.31
N VAL C 104 4.39 3.45 -9.42
CA VAL C 104 3.74 4.10 -8.29
C VAL C 104 2.42 3.45 -7.95
N GLU C 105 2.27 3.06 -6.68
CA GLU C 105 1.06 2.40 -6.19
C GLU C 105 0.45 3.13 -5.01
N GLU C 106 1.17 4.09 -4.45
CA GLU C 106 0.62 4.84 -3.33
C GLU C 106 0.95 6.32 -3.44
N GLU C 107 0.26 7.12 -2.62
CA GLU C 107 0.36 8.57 -2.67
C GLU C 107 1.61 9.27 -2.13
N ASN C 108 2.49 8.56 -1.45
CA ASN C 108 3.70 9.22 -0.95
C ASN C 108 4.74 9.22 -2.06
N THR C 109 4.97 8.07 -2.66
CA THR C 109 5.95 7.96 -3.74
C THR C 109 5.53 8.85 -4.89
N ALA C 110 4.22 9.00 -5.06
CA ALA C 110 3.66 9.83 -6.13
C ALA C 110 4.35 11.18 -6.22
N HIS C 111 4.58 11.81 -5.08
CA HIS C 111 5.24 13.11 -5.07
C HIS C 111 6.73 13.02 -4.75
N MET C 112 7.11 12.11 -3.85
CA MET C 112 8.52 11.98 -3.49
C MET C 112 9.45 11.61 -4.65
N THR C 113 9.00 10.74 -5.54
CA THR C 113 9.84 10.33 -6.65
C THR C 113 10.11 11.50 -7.61
N ALA C 114 9.18 12.45 -7.66
CA ALA C 114 9.37 13.61 -8.51
C ALA C 114 10.32 14.57 -7.78
N GLU C 115 10.09 14.76 -6.48
CA GLU C 115 10.91 15.66 -5.70
C GLU C 115 12.37 15.25 -5.62
N HIS C 116 12.61 13.97 -5.30
CA HIS C 116 13.96 13.46 -5.17
C HIS C 116 14.58 12.89 -6.45
N ASN C 117 13.81 12.09 -7.18
CA ASN C 117 14.33 11.48 -8.40
C ASN C 117 13.97 12.29 -9.64
N GLY C 118 14.59 11.95 -10.76
CA GLY C 118 14.31 12.65 -11.99
C GLY C 118 12.85 12.44 -12.38
N ALA C 119 12.31 11.32 -11.91
CA ALA C 119 10.93 10.94 -12.20
C ALA C 119 10.46 11.45 -13.55
N LYS C 120 11.06 10.93 -14.62
CA LYS C 120 10.69 11.35 -15.96
C LYS C 120 9.34 10.74 -16.33
N ALA C 121 8.96 9.70 -15.61
CA ALA C 121 7.69 9.02 -15.85
C ALA C 121 7.33 8.12 -14.68
N ILE C 122 6.04 7.87 -14.54
CA ILE C 122 5.57 6.97 -13.50
C ILE C 122 4.84 5.87 -14.23
N ALA C 123 4.87 4.66 -13.68
CA ALA C 123 4.20 3.51 -14.29
C ALA C 123 3.09 3.06 -13.36
N ILE C 124 1.89 2.92 -13.92
CA ILE C 124 0.73 2.49 -13.14
C ILE C 124 0.22 1.14 -13.65
N GLY C 125 0.02 0.20 -12.73
CA GLY C 125 -0.48 -1.10 -13.11
C GLY C 125 -1.98 -1.12 -12.91
N THR C 126 -2.74 -1.32 -13.98
CA THR C 126 -4.20 -1.31 -13.87
C THR C 126 -4.76 -2.51 -13.12
N GLY C 127 -3.98 -3.56 -12.96
CA GLY C 127 -4.45 -4.72 -12.22
C GLY C 127 -4.13 -4.57 -10.74
N ILE C 128 -3.35 -3.55 -10.42
CA ILE C 128 -2.95 -3.28 -9.04
C ILE C 128 -3.63 -2.08 -8.40
N THR C 129 -3.69 -0.98 -9.14
CA THR C 129 -4.23 0.28 -8.65
C THR C 129 -5.59 0.67 -9.23
N GLY C 130 -6.54 0.98 -8.35
CA GLY C 130 -7.87 1.39 -8.77
C GLY C 130 -7.81 2.76 -9.41
N TYR C 131 -8.80 3.09 -10.24
CA TYR C 131 -8.82 4.37 -10.95
C TYR C 131 -8.81 5.62 -10.09
N ASP C 132 -9.63 5.65 -9.04
CA ASP C 132 -9.67 6.83 -8.17
C ASP C 132 -8.32 7.07 -7.53
N ARG C 133 -7.65 6.00 -7.10
CA ARG C 133 -6.34 6.16 -6.49
C ARG C 133 -5.33 6.59 -7.55
N ALA C 134 -5.48 6.07 -8.76
CA ALA C 134 -4.60 6.42 -9.86
C ALA C 134 -4.62 7.92 -10.12
N LEU C 135 -5.81 8.51 -10.10
CA LEU C 135 -5.93 9.96 -10.33
C LEU C 135 -5.23 10.78 -9.26
N VAL C 136 -5.33 10.36 -8.00
CA VAL C 136 -4.67 11.09 -6.92
C VAL C 136 -3.16 10.97 -7.09
N ILE C 137 -2.70 9.77 -7.43
CA ILE C 137 -1.29 9.50 -7.66
C ILE C 137 -0.78 10.39 -8.80
N ILE C 138 -1.52 10.40 -9.90
CA ILE C 138 -1.15 11.19 -11.06
C ILE C 138 -1.10 12.68 -10.75
N GLN C 139 -2.13 13.19 -10.10
CA GLN C 139 -2.18 14.61 -9.76
C GLN C 139 -1.00 15.01 -8.88
N ARG C 140 -0.69 14.18 -7.88
CA ARG C 140 0.43 14.48 -6.99
C ARG C 140 1.74 14.50 -7.76
N TYR C 141 1.90 13.55 -8.67
CA TYR C 141 3.10 13.47 -9.49
C TYR C 141 3.25 14.70 -10.37
N LEU C 142 2.17 15.07 -11.06
CA LEU C 142 2.17 16.23 -11.95
C LEU C 142 2.40 17.56 -11.22
N ASP C 143 1.88 17.66 -10.00
CA ASP C 143 2.02 18.88 -9.21
C ASP C 143 3.35 19.06 -8.48
N THR C 144 4.25 18.09 -8.59
CA THR C 144 5.52 18.16 -7.88
C THR C 144 6.74 18.36 -8.76
N GLU C 145 7.56 19.34 -8.38
CA GLU C 145 8.77 19.64 -9.14
C GLU C 145 10.00 19.04 -8.47
N TYR C 146 11.03 18.77 -9.27
CA TYR C 146 12.28 18.20 -8.79
C TYR C 146 12.98 19.24 -7.90
N ALA C 147 13.45 18.80 -6.74
CA ALA C 147 14.09 19.70 -5.79
C ALA C 147 15.55 20.04 -6.10
N GLY C 148 16.22 19.17 -6.87
CA GLY C 148 17.61 19.41 -7.20
C GLY C 148 18.47 19.36 -5.94
N GLY C 149 19.51 20.21 -5.89
CA GLY C 149 20.37 20.22 -4.73
C GLY C 149 21.16 18.94 -4.54
N ARG C 150 21.16 18.41 -3.32
CA ARG C 150 21.89 17.19 -2.99
C ARG C 150 21.47 15.99 -3.83
N HIS C 151 20.21 15.96 -4.24
CA HIS C 151 19.70 14.84 -5.02
C HIS C 151 20.36 14.67 -6.38
N GLN C 152 20.92 15.74 -6.92
CA GLN C 152 21.55 15.67 -8.24
C GLN C 152 22.69 14.67 -8.34
N ILE C 153 23.41 14.43 -7.25
CA ILE C 153 24.51 13.49 -7.31
C ILE C 153 23.99 12.11 -7.70
N ARG C 154 22.86 11.72 -7.12
CA ARG C 154 22.29 10.42 -7.43
C ARG C 154 21.77 10.35 -8.86
N LEU C 155 21.18 11.44 -9.35
CA LEU C 155 20.68 11.48 -10.73
C LEU C 155 21.86 11.46 -11.71
N ASP C 156 22.97 12.09 -11.32
CA ASP C 156 24.15 12.09 -12.17
C ASP C 156 24.69 10.67 -12.24
N MET C 157 24.63 9.96 -11.12
CA MET C 157 25.09 8.58 -11.07
C MET C 157 24.23 7.68 -11.96
N LEU C 158 22.91 7.81 -11.82
CA LEU C 158 21.99 7.01 -12.62
C LEU C 158 22.17 7.22 -14.12
N GLU C 159 22.26 8.47 -14.53
CA GLU C 159 22.44 8.78 -15.95
C GLU C 159 23.75 8.24 -16.51
N LYS C 160 24.70 7.98 -15.62
CA LYS C 160 26.00 7.46 -16.02
C LYS C 160 25.93 5.97 -16.30
N MET C 161 24.89 5.31 -15.80
CA MET C 161 24.71 3.87 -15.98
C MET C 161 23.98 3.57 -17.28
N ILE C 162 24.08 2.33 -17.75
CA ILE C 162 23.45 1.92 -19.01
C ILE C 162 21.91 1.93 -19.01
N MET D 1 20.75 -20.99 -0.88
CA MET D 1 20.66 -19.85 -1.84
C MET D 1 21.26 -18.62 -1.19
N ILE D 2 21.83 -17.75 -2.02
CA ILE D 2 22.47 -16.53 -1.54
C ILE D 2 21.70 -15.30 -1.99
N ILE D 3 21.36 -14.43 -1.04
CA ILE D 3 20.62 -13.21 -1.34
C ILE D 3 21.50 -12.01 -1.03
N ALA D 4 21.70 -11.14 -2.02
CA ALA D 4 22.49 -9.93 -1.80
C ALA D 4 21.48 -8.84 -1.48
N ILE D 5 21.77 -8.03 -0.46
CA ILE D 5 20.85 -6.96 -0.09
C ILE D 5 21.59 -5.65 0.05
N GLY D 6 20.89 -4.56 -0.27
CA GLY D 6 21.49 -3.24 -0.19
C GLY D 6 20.45 -2.19 0.12
N ASN D 7 20.89 -1.02 0.56
CA ASN D 7 19.96 0.05 0.95
C ASN D 7 20.66 1.38 1.14
N ASP D 8 19.89 2.47 1.17
CA ASP D 8 20.49 3.76 1.46
C ASP D 8 20.25 3.98 2.95
N HIS D 9 20.72 5.10 3.48
CA HIS D 9 20.62 5.42 4.91
C HIS D 9 19.23 5.61 5.49
N ILE D 10 18.23 5.86 4.65
CA ILE D 10 16.88 6.09 5.11
C ILE D 10 16.19 4.83 5.64
N VAL D 11 16.56 3.68 5.10
CA VAL D 11 15.90 2.43 5.49
C VAL D 11 16.81 1.33 6.03
N THR D 12 17.92 1.72 6.66
CA THR D 12 18.85 0.73 7.20
C THR D 12 18.16 -0.18 8.22
N MET D 13 17.24 0.38 9.01
CA MET D 13 16.55 -0.39 10.02
C MET D 13 15.64 -1.46 9.39
N GLN D 14 14.97 -1.10 8.30
CA GLN D 14 14.11 -2.06 7.62
C GLN D 14 14.96 -3.13 6.95
N LYS D 15 16.14 -2.74 6.47
CA LYS D 15 17.02 -3.70 5.83
C LYS D 15 17.47 -4.72 6.87
N ILE D 16 17.77 -4.26 8.07
CA ILE D 16 18.20 -5.16 9.14
C ILE D 16 17.11 -6.19 9.44
N GLU D 17 15.86 -5.73 9.47
CA GLU D 17 14.75 -6.64 9.75
C GLU D 17 14.66 -7.74 8.71
N ILE D 18 14.83 -7.37 7.44
CA ILE D 18 14.76 -8.34 6.36
C ILE D 18 15.98 -9.27 6.37
N SER D 19 17.15 -8.71 6.66
CA SER D 19 18.35 -9.53 6.73
C SER D 19 18.17 -10.60 7.80
N ASN D 20 17.64 -10.20 8.96
CA ASN D 20 17.41 -11.14 10.04
C ASN D 20 16.46 -12.26 9.59
N MET D 21 15.37 -11.86 8.94
CA MET D 21 14.38 -12.84 8.48
C MET D 21 14.97 -13.82 7.48
N LEU D 22 15.72 -13.31 6.52
CA LEU D 22 16.35 -14.17 5.51
C LEU D 22 17.24 -15.20 6.17
N LYS D 23 18.00 -14.79 7.18
CA LYS D 23 18.88 -15.74 7.85
C LYS D 23 18.10 -16.78 8.64
N ASP D 24 17.03 -16.35 9.29
CA ASP D 24 16.20 -17.29 10.03
C ASP D 24 15.60 -18.31 9.06
N MET D 25 15.37 -17.88 7.83
CA MET D 25 14.80 -18.73 6.80
C MET D 25 15.81 -19.68 6.16
N GLY D 26 17.08 -19.54 6.52
CA GLY D 26 18.10 -20.42 5.97
C GLY D 26 18.90 -19.87 4.81
N TYR D 27 18.63 -18.63 4.42
CA TYR D 27 19.35 -18.01 3.32
C TYR D 27 20.70 -17.45 3.76
N THR D 28 21.64 -17.46 2.84
CA THR D 28 22.95 -16.87 3.09
C THR D 28 22.78 -15.45 2.58
N VAL D 29 23.18 -14.47 3.39
CA VAL D 29 23.02 -13.07 3.00
C VAL D 29 24.35 -12.34 2.80
N ILE D 30 24.42 -11.55 1.73
CA ILE D 30 25.59 -10.72 1.46
C ILE D 30 25.04 -9.30 1.59
N ASP D 31 25.37 -8.63 2.68
CA ASP D 31 24.88 -7.27 2.92
C ASP D 31 25.86 -6.27 2.31
N GLU D 32 25.40 -5.56 1.29
CA GLU D 32 26.19 -4.56 0.55
C GLU D 32 25.74 -3.13 0.85
N GLY D 33 24.42 -2.95 0.95
CA GLY D 33 23.82 -1.65 1.23
C GLY D 33 24.53 -0.99 2.37
N THR D 34 24.22 0.27 2.66
CA THR D 34 24.92 0.95 3.72
C THR D 34 24.65 0.33 5.10
N TYR D 35 25.67 0.38 5.96
CA TYR D 35 25.58 -0.25 7.28
C TYR D 35 25.11 0.60 8.44
N ASP D 36 25.15 1.91 8.28
CA ASP D 36 24.69 2.82 9.32
C ASP D 36 23.61 3.72 8.71
N THR D 37 23.36 4.88 9.33
CA THR D 37 22.33 5.77 8.79
C THR D 37 22.90 7.14 8.41
N HIS D 38 24.18 7.14 8.06
CA HIS D 38 24.87 8.35 7.63
C HIS D 38 24.51 8.61 6.17
N ARG D 39 24.19 9.86 5.84
CA ARG D 39 23.81 10.20 4.48
C ARG D 39 24.74 9.65 3.40
N THR D 40 24.18 8.85 2.51
CA THR D 40 24.93 8.28 1.41
C THR D 40 24.08 8.25 0.15
N HIS D 41 24.53 7.53 -0.89
CA HIS D 41 23.83 7.53 -2.17
C HIS D 41 23.38 6.18 -2.69
N TYR D 42 22.08 6.05 -2.89
CA TYR D 42 21.51 4.78 -3.33
C TYR D 42 22.12 4.05 -4.53
N PRO D 43 22.59 4.79 -5.55
CA PRO D 43 23.16 4.07 -6.70
C PRO D 43 24.35 3.17 -6.37
N ILE D 44 25.14 3.58 -5.38
CA ILE D 44 26.30 2.81 -4.97
C ILE D 44 25.92 1.39 -4.57
N TYR D 45 24.92 1.29 -3.70
CA TYR D 45 24.48 0.00 -3.19
C TYR D 45 23.63 -0.77 -4.20
N GLY D 46 22.91 -0.05 -5.03
CA GLY D 46 22.10 -0.69 -6.05
C GLY D 46 23.03 -1.41 -7.02
N LYS D 47 24.12 -0.74 -7.38
CA LYS D 47 25.09 -1.31 -8.32
C LYS D 47 25.83 -2.51 -7.71
N LYS D 48 26.20 -2.41 -6.43
CA LYS D 48 26.90 -3.51 -5.78
C LYS D 48 26.03 -4.77 -5.74
N VAL D 49 24.76 -4.61 -5.39
CA VAL D 49 23.85 -5.75 -5.34
C VAL D 49 23.66 -6.32 -6.75
N ALA D 50 23.50 -5.43 -7.73
CA ALA D 50 23.30 -5.87 -9.10
C ALA D 50 24.46 -6.74 -9.58
N GLU D 51 25.69 -6.31 -9.31
CA GLU D 51 26.84 -7.08 -9.75
C GLU D 51 27.00 -8.40 -9.04
N ASP D 52 26.58 -8.48 -7.77
CA ASP D 52 26.67 -9.75 -7.06
C ASP D 52 25.79 -10.75 -7.80
N VAL D 53 24.59 -10.32 -8.17
CA VAL D 53 23.65 -11.19 -8.87
C VAL D 53 24.12 -11.52 -10.29
N ALA D 54 24.56 -10.51 -11.02
CA ALA D 54 25.03 -10.72 -12.39
C ALA D 54 26.26 -11.61 -12.48
N ASP D 55 27.19 -11.45 -11.53
CA ASP D 55 28.42 -12.23 -11.53
C ASP D 55 28.28 -13.62 -10.91
N GLY D 56 27.13 -13.91 -10.32
CA GLY D 56 26.92 -15.21 -9.73
C GLY D 56 27.36 -15.35 -8.28
N ARG D 57 27.61 -14.24 -7.60
CA ARG D 57 28.01 -14.30 -6.20
C ARG D 57 26.76 -14.46 -5.36
N ALA D 58 25.62 -14.03 -5.90
CA ALA D 58 24.35 -14.14 -5.22
C ALA D 58 23.32 -14.62 -6.25
N ASP D 59 22.31 -15.34 -5.79
CA ASP D 59 21.27 -15.83 -6.68
C ASP D 59 20.24 -14.77 -7.02
N LEU D 60 19.86 -13.98 -6.01
CA LEU D 60 18.88 -12.92 -6.17
C LEU D 60 19.29 -11.72 -5.31
N GLY D 61 18.71 -10.57 -5.59
CA GLY D 61 19.02 -9.38 -4.82
C GLY D 61 17.78 -8.65 -4.34
N ILE D 62 17.93 -7.93 -3.24
CA ILE D 62 16.84 -7.13 -2.69
C ILE D 62 17.45 -5.77 -2.37
N VAL D 63 16.81 -4.71 -2.84
CA VAL D 63 17.31 -3.36 -2.57
C VAL D 63 16.20 -2.45 -2.09
N MET D 64 16.54 -1.57 -1.16
CA MET D 64 15.56 -0.66 -0.60
C MET D 64 16.06 0.74 -0.30
N CYS D 65 15.17 1.71 -0.43
CA CYS D 65 15.46 3.08 -0.05
C CYS D 65 14.10 3.63 0.38
N GLY D 66 13.98 4.92 0.64
CA GLY D 66 12.71 5.46 1.08
C GLY D 66 11.51 4.96 0.31
N THR D 67 11.52 5.18 -1.00
CA THR D 67 10.43 4.75 -1.87
C THR D 67 10.83 3.51 -2.65
N GLY D 68 12.13 3.27 -2.74
CA GLY D 68 12.63 2.12 -3.47
C GLY D 68 12.91 2.44 -4.93
N ILE D 69 12.37 3.55 -5.42
CA ILE D 69 12.55 3.93 -6.82
C ILE D 69 14.01 4.14 -7.19
N GLY D 70 14.71 4.93 -6.41
CA GLY D 70 16.10 5.21 -6.71
C GLY D 70 16.99 3.99 -6.80
N ILE D 71 17.07 3.23 -5.71
CA ILE D 71 17.95 2.08 -5.69
C ILE D 71 17.55 0.95 -6.64
N SER D 72 16.25 0.75 -6.85
CA SER D 72 15.80 -0.30 -7.77
C SER D 72 16.10 0.08 -9.22
N THR D 73 16.06 1.38 -9.49
CA THR D 73 16.37 1.88 -10.83
C THR D 73 17.86 1.70 -11.07
N ALA D 74 18.67 1.97 -10.05
CA ALA D 74 20.11 1.80 -10.16
C ALA D 74 20.42 0.31 -10.41
N ALA D 75 19.74 -0.58 -9.70
CA ALA D 75 19.98 -2.01 -9.87
C ALA D 75 19.61 -2.46 -11.28
N ASP D 76 18.52 -1.90 -11.82
CA ASP D 76 18.05 -2.27 -13.15
C ASP D 76 19.06 -1.87 -14.23
N LYS D 77 19.74 -0.76 -14.01
CA LYS D 77 20.73 -0.25 -14.97
C LYS D 77 22.08 -0.95 -14.91
N ASN D 78 22.06 -2.28 -15.02
CA ASN D 78 23.27 -3.11 -14.99
C ASN D 78 23.04 -4.33 -15.87
N GLU D 79 24.11 -4.83 -16.47
CA GLU D 79 24.02 -6.01 -17.33
C GLU D 79 23.56 -7.24 -16.57
N GLY D 80 22.71 -8.05 -17.21
CA GLY D 80 22.23 -9.27 -16.61
C GLY D 80 21.15 -9.13 -15.56
N ILE D 81 20.70 -7.90 -15.31
CA ILE D 81 19.68 -7.67 -14.28
C ILE D 81 18.30 -7.26 -14.79
N ARG D 82 17.28 -7.74 -14.08
CA ARG D 82 15.89 -7.41 -14.34
C ARG D 82 15.38 -7.07 -12.94
N ALA D 83 15.37 -5.79 -12.61
CA ALA D 83 14.92 -5.35 -11.28
C ALA D 83 13.44 -5.00 -11.27
N ALA D 84 12.73 -5.54 -10.29
CA ALA D 84 11.29 -5.32 -10.15
C ALA D 84 10.97 -4.45 -8.93
N MET D 85 10.44 -3.26 -9.17
CA MET D 85 10.07 -2.35 -8.09
C MET D 85 8.66 -2.75 -7.64
N CYS D 86 8.57 -3.40 -6.48
CA CYS D 86 7.28 -3.88 -5.99
C CYS D 86 6.93 -3.59 -4.53
N ASP D 87 5.96 -2.70 -4.31
CA ASP D 87 5.51 -2.40 -2.95
C ASP D 87 4.31 -3.29 -2.59
N ASP D 88 4.06 -4.33 -3.39
CA ASP D 88 2.94 -5.23 -3.14
C ASP D 88 3.29 -6.68 -3.51
N VAL D 89 2.63 -7.63 -2.86
CA VAL D 89 2.86 -9.05 -3.11
C VAL D 89 2.49 -9.48 -4.53
N THR D 90 1.34 -9.01 -5.00
CA THR D 90 0.85 -9.37 -6.33
C THR D 90 1.83 -9.12 -7.47
N SER D 91 2.31 -7.88 -7.61
CA SER D 91 3.24 -7.57 -8.70
C SER D 91 4.60 -8.23 -8.51
N ALA D 92 4.97 -8.49 -7.26
CA ALA D 92 6.26 -9.13 -6.98
C ALA D 92 6.23 -10.57 -7.47
N VAL D 93 5.09 -11.25 -7.28
CA VAL D 93 4.96 -12.63 -7.72
C VAL D 93 4.96 -12.67 -9.26
N TYR D 94 4.28 -11.70 -9.86
CA TYR D 94 4.24 -11.60 -11.32
C TYR D 94 5.66 -11.37 -11.86
N ALA D 95 6.40 -10.51 -11.16
CA ALA D 95 7.77 -10.19 -11.56
C ALA D 95 8.65 -11.43 -11.61
N ARG D 96 8.53 -12.29 -10.61
CA ARG D 96 9.32 -13.50 -10.54
C ARG D 96 8.82 -14.55 -11.52
N GLU D 97 7.52 -14.81 -11.51
CA GLU D 97 6.94 -15.83 -12.38
C GLU D 97 6.95 -15.54 -13.88
N GLN D 98 6.70 -14.29 -14.25
CA GLN D 98 6.64 -13.93 -15.66
C GLN D 98 7.88 -13.25 -16.24
N LEU D 99 8.52 -12.38 -15.46
CA LEU D 99 9.70 -11.68 -15.94
C LEU D 99 11.02 -12.20 -15.39
N ASN D 100 10.95 -13.25 -14.57
CA ASN D 100 12.13 -13.85 -13.96
C ASN D 100 13.04 -12.78 -13.36
N ALA D 101 12.44 -11.77 -12.75
CA ALA D 101 13.19 -10.68 -12.14
C ALA D 101 14.18 -11.27 -11.12
N ASN D 102 15.41 -10.78 -11.13
CA ASN D 102 16.40 -11.29 -10.19
C ASN D 102 16.79 -10.29 -9.10
N VAL D 103 16.15 -9.13 -9.11
CA VAL D 103 16.38 -8.12 -8.08
C VAL D 103 15.03 -7.51 -7.72
N LEU D 104 14.71 -7.51 -6.43
CA LEU D 104 13.47 -6.96 -5.92
C LEU D 104 13.73 -5.63 -5.22
N GLY D 105 12.95 -4.61 -5.58
CA GLY D 105 13.10 -3.31 -4.95
C GLY D 105 11.87 -3.02 -4.10
N ILE D 106 12.06 -2.43 -2.93
CA ILE D 106 10.94 -2.11 -2.05
C ILE D 106 11.17 -0.78 -1.36
N GLY D 107 10.08 -0.03 -1.13
CA GLY D 107 10.17 1.24 -0.45
C GLY D 107 10.06 1.04 1.05
N GLY D 108 11.20 1.06 1.73
CA GLY D 108 11.21 0.83 3.17
C GLY D 108 10.54 1.88 4.03
N ALA D 109 10.26 3.05 3.47
CA ALA D 109 9.62 4.10 4.23
C ALA D 109 8.14 4.25 3.91
N VAL D 110 7.67 3.53 2.89
CA VAL D 110 6.26 3.60 2.52
C VAL D 110 5.51 2.29 2.76
N VAL D 111 6.25 1.19 2.94
CA VAL D 111 5.66 -0.11 3.20
C VAL D 111 6.01 -0.50 4.64
N GLY D 112 5.03 -0.99 5.39
CA GLY D 112 5.29 -1.41 6.77
C GLY D 112 6.08 -2.70 6.78
N VAL D 113 6.88 -2.92 7.82
CA VAL D 113 7.73 -4.11 7.92
C VAL D 113 7.00 -5.44 7.73
N HIS D 114 5.80 -5.58 8.29
CA HIS D 114 5.07 -6.84 8.12
C HIS D 114 4.76 -7.09 6.65
N LEU D 115 4.42 -6.04 5.92
CA LEU D 115 4.12 -6.18 4.50
C LEU D 115 5.41 -6.39 3.70
N ILE D 116 6.50 -5.76 4.13
CA ILE D 116 7.77 -5.95 3.44
C ILE D 116 8.15 -7.43 3.54
N GLN D 117 7.98 -7.99 4.72
CA GLN D 117 8.29 -9.40 4.95
C GLN D 117 7.47 -10.27 4.00
N ASP D 118 6.19 -9.95 3.86
CA ASP D 118 5.30 -10.70 2.98
C ASP D 118 5.71 -10.60 1.51
N ILE D 119 6.12 -9.40 1.09
CA ILE D 119 6.54 -9.21 -0.30
C ILE D 119 7.79 -10.04 -0.58
N VAL D 120 8.77 -9.96 0.32
CA VAL D 120 10.01 -10.71 0.16
C VAL D 120 9.76 -12.22 0.13
N LYS D 121 8.96 -12.71 1.07
CA LYS D 121 8.68 -14.14 1.10
C LYS D 121 7.96 -14.61 -0.16
N ALA D 122 6.99 -13.84 -0.63
CA ALA D 122 6.24 -14.21 -1.82
C ALA D 122 7.14 -14.19 -3.05
N TYR D 123 8.00 -13.19 -3.12
CA TYR D 123 8.93 -13.07 -4.24
C TYR D 123 9.89 -14.28 -4.29
N LEU D 124 10.42 -14.65 -3.12
CA LEU D 124 11.36 -15.77 -3.03
C LEU D 124 10.71 -17.12 -3.28
N ASP D 125 9.48 -17.26 -2.80
CA ASP D 125 8.74 -18.50 -2.96
C ASP D 125 8.30 -18.74 -4.40
N ALA D 126 8.07 -17.65 -5.14
CA ALA D 126 7.65 -17.75 -6.53
C ALA D 126 8.74 -18.35 -7.41
N THR D 127 8.32 -18.97 -8.50
CA THR D 127 9.24 -19.58 -9.45
C THR D 127 8.95 -19.10 -10.86
N TYR D 128 10.00 -18.81 -11.63
CA TYR D 128 9.83 -18.37 -13.01
C TYR D 128 9.19 -19.50 -13.81
N LYS D 129 8.13 -19.18 -14.55
CA LYS D 129 7.41 -20.15 -15.37
C LYS D 129 7.54 -19.73 -16.83
N GLU D 130 8.61 -20.18 -17.49
CA GLU D 130 8.86 -19.82 -18.87
C GLU D 130 7.79 -20.24 -19.88
N THR D 131 7.54 -19.37 -20.84
CA THR D 131 6.59 -19.60 -21.92
C THR D 131 7.19 -18.84 -23.10
N PRO D 132 6.80 -19.20 -24.33
CA PRO D 132 7.37 -18.47 -25.46
C PRO D 132 7.01 -16.99 -25.36
N GLU D 133 5.89 -16.70 -24.70
CA GLU D 133 5.42 -15.33 -24.52
C GLU D 133 6.34 -14.48 -23.65
N ASN D 134 6.55 -14.92 -22.41
CA ASN D 134 7.41 -14.15 -21.51
C ASN D 134 8.88 -14.23 -21.87
N LYS D 135 9.28 -15.31 -22.56
CA LYS D 135 10.68 -15.44 -22.95
C LYS D 135 11.00 -14.35 -23.97
N LYS D 136 10.00 -14.00 -24.79
CA LYS D 136 10.20 -12.96 -25.78
C LYS D 136 10.28 -11.61 -25.09
N LEU D 137 9.43 -11.41 -24.09
CA LEU D 137 9.41 -10.17 -23.33
C LEU D 137 10.74 -9.97 -22.63
N ILE D 138 11.19 -11.02 -21.94
CA ILE D 138 12.45 -10.99 -21.21
C ILE D 138 13.63 -10.71 -22.15
N ASP D 139 13.69 -11.41 -23.28
CA ASP D 139 14.79 -11.19 -24.21
C ASP D 139 14.82 -9.75 -24.71
N LYS D 140 13.65 -9.18 -24.96
CA LYS D 140 13.59 -7.79 -25.41
C LYS D 140 14.13 -6.89 -24.31
N ILE D 141 13.75 -7.18 -23.07
CA ILE D 141 14.22 -6.39 -21.93
C ILE D 141 15.73 -6.49 -21.75
N ASP D 142 16.27 -7.69 -21.91
CA ASP D 142 17.71 -7.88 -21.75
C ASP D 142 18.53 -7.22 -22.86
N ASN D 143 17.87 -6.82 -23.95
CA ASN D 143 18.58 -6.22 -25.06
C ASN D 143 18.35 -4.73 -25.29
N ILE D 144 17.72 -4.06 -24.31
CA ILE D 144 17.45 -2.64 -24.45
C ILE D 144 18.67 -1.76 -24.25
N ALA D 145 19.41 -1.99 -23.18
CA ALA D 145 20.59 -1.20 -22.89
C ALA D 145 21.82 -1.68 -23.65
N LYS D 146 22.77 -0.78 -23.85
CA LYS D 146 23.99 -1.13 -24.56
C LYS D 146 25.09 -1.29 -23.50
N PRO D 147 25.66 -2.49 -23.40
CA PRO D 147 26.72 -2.82 -22.43
C PRO D 147 27.90 -1.84 -22.44
N ASN D 148 28.25 -1.34 -21.27
CA ASN D 148 29.37 -0.43 -21.13
C ASN D 148 30.44 -1.08 -20.26
N PRO D 149 31.53 -1.56 -20.88
CA PRO D 149 32.63 -2.21 -20.15
C PRO D 149 33.25 -1.37 -19.04
N ASP D 150 33.12 -0.06 -19.14
CA ASP D 150 33.68 0.82 -18.11
C ASP D 150 32.88 0.79 -16.81
N GLN D 151 31.62 0.38 -16.90
CA GLN D 151 30.77 0.29 -15.72
C GLN D 151 30.87 -1.10 -15.08
N LYS D 152 30.79 -2.13 -15.91
CA LYS D 152 30.84 -3.52 -15.47
C LYS D 152 32.01 -3.84 -14.55
N ASP D 153 31.68 -4.25 -13.32
CA ASP D 153 32.67 -4.62 -12.31
C ASP D 153 33.72 -3.56 -12.02
N ASN D 154 33.34 -2.30 -12.14
CA ASN D 154 34.25 -1.20 -11.88
C ASN D 154 33.88 -0.47 -10.60
N PRO D 155 34.57 -0.77 -9.48
CA PRO D 155 34.31 -0.16 -8.18
C PRO D 155 34.53 1.35 -8.11
N HIS D 156 35.39 1.87 -8.97
CA HIS D 156 35.68 3.30 -8.99
C HIS D 156 34.76 4.05 -9.96
N PHE D 157 33.74 3.36 -10.45
CA PHE D 157 32.81 3.95 -11.40
C PHE D 157 32.20 5.29 -10.98
N PHE D 158 31.92 5.45 -9.69
CA PHE D 158 31.31 6.68 -9.19
C PHE D 158 32.26 7.64 -8.49
N ASP D 159 33.55 7.32 -8.47
CA ASP D 159 34.54 8.17 -7.81
C ASP D 159 34.42 9.63 -8.22
N ALA D 160 34.20 9.87 -9.51
CA ALA D 160 34.06 11.23 -10.03
C ALA D 160 32.99 12.01 -9.26
N GLU D 161 31.83 11.39 -9.10
CA GLU D 161 30.71 12.02 -8.39
C GLU D 161 30.97 12.16 -6.90
N LEU D 162 31.64 11.17 -6.31
CA LEU D 162 31.93 11.21 -4.88
C LEU D 162 32.90 12.34 -4.55
N GLU D 163 33.87 12.57 -5.44
CA GLU D 163 34.84 13.65 -5.24
C GLU D 163 34.11 14.99 -5.21
N LYS D 164 33.25 15.20 -6.20
CA LYS D 164 32.48 16.43 -6.29
C LYS D 164 31.63 16.63 -5.03
N TRP D 165 31.15 15.53 -4.48
CA TRP D 165 30.33 15.58 -3.27
C TRP D 165 31.17 16.06 -2.09
N ALA D 166 32.39 15.54 -1.98
CA ALA D 166 33.29 15.92 -0.91
C ALA D 166 33.70 17.38 -1.06
N GLU D 167 33.67 17.87 -2.29
CA GLU D 167 34.05 19.24 -2.59
C GLU D 167 32.89 20.22 -2.42
N GLY D 168 31.73 19.69 -2.00
CA GLY D 168 30.57 20.53 -1.79
C GLY D 168 29.88 21.00 -3.07
N VAL D 169 30.09 20.26 -4.16
CA VAL D 169 29.49 20.60 -5.44
C VAL D 169 27.98 20.40 -5.44
N TYR D 170 27.52 19.45 -4.63
CA TYR D 170 26.10 19.13 -4.55
C TYR D 170 25.37 19.68 -3.33
N HIS D 171 25.72 20.89 -2.91
CA HIS D 171 25.09 21.52 -1.75
C HIS D 171 23.61 21.82 -2.03
N ASP D 172 22.86 22.05 -0.97
CA ASP D 172 21.44 22.38 -1.09
C ASP D 172 21.25 23.89 -0.95
C1 PSJ E . -5.49 -6.22 15.39
O1 PSJ E . -6.19 -6.03 14.16
C2 PSJ E . -3.99 -6.05 15.19
O2 PSJ E . -3.53 -5.79 14.08
C3 PSJ E . -3.05 -6.23 16.36
O3 PSJ E . -1.93 -5.33 16.22
C4 PSJ E . -2.55 -7.68 16.45
O4 PSJ E . -3.66 -8.59 16.61
C5 PSJ E . -1.54 -7.89 17.60
O5 PSJ E . -1.13 -9.27 17.63
C6 PSJ E . -2.12 -7.53 18.98
O6 PSJ E . -3.32 -8.27 19.24
C1 PSJ F . 15.36 7.51 -3.69
O1 PSJ F . 14.31 7.08 -4.55
C2 PSJ F . 14.90 7.49 -2.24
O2 PSJ F . 13.76 7.14 -1.97
C3 PSJ F . 15.85 7.92 -1.13
O3 PSJ F . 15.55 7.19 0.08
C4 PSJ F . 15.73 9.43 -0.86
O4 PSJ F . 16.03 10.18 -2.05
C5 PSJ F . 16.67 9.89 0.28
O5 PSJ F . 16.51 11.30 0.49
C6 PSJ F . 18.15 9.59 -0.01
O6 PSJ F . 18.59 10.27 -1.19
#